data_2BLC
#
_entry.id   2BLC
#
_cell.length_a   132.000
_cell.length_b   56.310
_cell.length_c   45.670
_cell.angle_alpha   90.00
_cell.angle_beta   107.50
_cell.angle_gamma   90.00
#
_symmetry.space_group_name_H-M   'C 1 2 1'
#
loop_
_entity.id
_entity.type
_entity.pdbx_description
1 polymer 'DIHYDROFOLATE REDUCTASE-THYMIDYLATE SYNTHASE'
2 non-polymer 'NADPH DIHYDRO-NICOTINAMIDE-ADENINE-DINUCLEOTIDE PHOSPHATE'
3 non-polymer 6-ETHYL-5-PHENYLPYRIMIDINE-2,4-DIAMINE
4 non-polymer '2-(N-MORPHOLINO)-ETHANESULFONIC ACID'
5 water water
#
_entity_poly.entity_id   1
_entity_poly.type   'polypeptide(L)'
_entity_poly.pdbx_seq_one_letter_code
;MENLSDVFDIYAICACCKVAPTSEGTKNEPFSPRTFRGLGNKGTLPWKCNSVDMKYFRSVTTYVDESKYEKLKWKRERYL
RMEASQGGGDNTSGGDNTHGGDNADKLQNVVVMGRSNWESIPKQYKPLPNRINVVLSKTLTKEDVKEKVFIIDSIDDLLL
LLKKLKYYKCFIIGGAQVYRECLSRNLIKQIYFTRINGAYPCDVFFPEFDESEFRVTSVSEVYNSKGTTLDFLVYSKV
;
_entity_poly.pdbx_strand_id   A
#
loop_
_chem_comp.id
_chem_comp.type
_chem_comp.name
_chem_comp.formula
CP7 non-polymer 6-ETHYL-5-PHENYLPYRIMIDINE-2,4-DIAMINE 'C12 H14 N4'
MES non-polymer '2-(N-MORPHOLINO)-ETHANESULFONIC ACID' 'C6 H13 N O4 S'
NDP non-polymer 'NADPH DIHYDRO-NICOTINAMIDE-ADENINE-DINUCLEOTIDE PHOSPHATE' 'C21 H30 N7 O17 P3'
#
# COMPACT_ATOMS: atom_id res chain seq x y z
N GLU A 2 19.75 11.48 -0.72
CA GLU A 2 18.79 11.63 0.40
C GLU A 2 17.70 10.56 0.35
N ASN A 3 17.09 10.31 1.50
CA ASN A 3 16.04 9.31 1.57
C ASN A 3 14.78 9.76 0.85
N LEU A 4 14.64 9.33 -0.39
CA LEU A 4 13.48 9.69 -1.17
C LEU A 4 12.17 9.27 -0.51
N SER A 5 12.19 8.23 0.30
CA SER A 5 10.92 7.83 0.91
C SER A 5 10.47 8.89 1.89
N ASP A 6 11.44 9.53 2.53
CA ASP A 6 11.13 10.57 3.53
C ASP A 6 10.78 11.89 2.86
N VAL A 7 11.55 12.22 1.84
CA VAL A 7 11.32 13.46 1.15
C VAL A 7 9.95 13.51 0.52
N PHE A 8 9.49 12.41 -0.04
CA PHE A 8 8.17 12.39 -0.69
C PHE A 8 7.11 11.60 0.06
N ASP A 9 7.41 11.29 1.32
CA ASP A 9 6.49 10.58 2.20
C ASP A 9 5.84 9.37 1.58
N ILE A 10 6.68 8.44 1.15
CA ILE A 10 6.18 7.24 0.53
C ILE A 10 5.88 6.18 1.55
N TYR A 11 4.61 5.90 1.77
CA TYR A 11 4.23 4.86 2.73
C TYR A 11 3.59 3.69 2.03
N ALA A 12 3.49 2.62 2.80
CA ALA A 12 2.90 1.40 2.33
C ALA A 12 1.75 1.02 3.25
N ILE A 13 0.64 0.59 2.68
CA ILE A 13 -0.46 0.12 3.48
C ILE A 13 -1.02 -1.15 2.89
N CYS A 14 -1.20 -2.14 3.77
CA CYS A 14 -1.67 -3.46 3.40
C CYS A 14 -2.34 -4.21 4.53
N ALA A 15 -2.91 -5.35 4.18
CA ALA A 15 -3.59 -6.22 5.13
C ALA A 15 -3.19 -7.65 4.83
N CYS A 16 -2.85 -8.40 5.85
CA CYS A 16 -2.44 -9.76 5.58
C CYS A 16 -3.07 -10.69 6.61
N CYS A 17 -3.40 -11.88 6.13
CA CYS A 17 -4.00 -12.91 6.95
C CYS A 17 -3.04 -14.08 6.94
N LYS A 18 -3.37 -15.08 7.73
CA LYS A 18 -2.58 -16.28 7.81
C LYS A 18 -2.97 -17.09 6.58
N VAL A 19 -2.01 -17.84 6.05
CA VAL A 19 -2.22 -18.66 4.87
C VAL A 19 -2.72 -20.05 5.24
N ALA A 20 -3.73 -20.55 4.52
CA ALA A 20 -4.30 -21.85 4.79
C ALA A 20 -3.49 -22.92 4.07
N PRO A 21 -3.27 -24.05 4.74
CA PRO A 21 -2.49 -25.12 4.11
C PRO A 21 -2.94 -25.64 2.74
N THR A 22 -2.14 -26.53 2.18
CA THR A 22 -2.52 -27.13 0.93
C THR A 22 -2.46 -28.65 1.09
N SER A 23 -1.99 -29.33 0.06
CA SER A 23 -1.90 -30.79 0.08
C SER A 23 -0.78 -31.31 -0.82
N GLU A 24 -0.36 -30.49 -1.78
CA GLU A 24 0.72 -30.83 -2.72
C GLU A 24 1.27 -29.60 -3.45
N GLY A 25 2.54 -29.29 -3.18
CA GLY A 25 3.16 -28.16 -3.83
C GLY A 25 4.43 -27.80 -3.10
N THR A 26 5.45 -27.49 -3.86
CA THR A 26 6.73 -27.17 -3.26
C THR A 26 6.73 -25.71 -2.79
N LYS A 27 5.54 -25.17 -2.55
CA LYS A 27 5.49 -23.78 -2.12
C LYS A 27 4.85 -23.58 -0.75
N ASN A 28 3.99 -24.52 -0.35
CA ASN A 28 3.33 -24.48 0.95
C ASN A 28 4.35 -24.28 2.10
N GLU A 29 4.33 -23.09 2.71
CA GLU A 29 5.24 -22.72 3.79
C GLU A 29 4.56 -22.72 5.15
N PRO A 30 4.20 -23.91 5.64
CA PRO A 30 3.53 -24.04 6.93
C PRO A 30 4.29 -23.54 8.16
N PHE A 31 5.59 -23.33 8.02
CA PHE A 31 6.41 -22.84 9.13
C PHE A 31 7.08 -21.49 8.79
N SER A 32 6.46 -20.72 7.90
CA SER A 32 7.02 -19.43 7.51
C SER A 32 7.23 -18.56 8.76
N PRO A 33 8.39 -17.91 8.84
CA PRO A 33 8.68 -17.06 9.98
C PRO A 33 7.67 -15.92 10.08
N ARG A 34 7.00 -15.63 8.96
CA ARG A 34 5.96 -14.59 8.94
C ARG A 34 4.55 -15.14 8.93
N THR A 35 3.96 -15.23 10.11
CA THR A 35 2.61 -15.73 10.23
C THR A 35 1.63 -15.01 9.25
N PHE A 36 1.56 -13.68 9.30
CA PHE A 36 0.67 -12.90 8.42
C PHE A 36 1.33 -12.50 7.09
N ARG A 37 1.06 -13.25 6.04
CA ARG A 37 1.65 -12.98 4.74
C ARG A 37 0.68 -13.21 3.59
N GLY A 38 -0.57 -13.50 3.93
CA GLY A 38 -1.60 -13.73 2.93
C GLY A 38 -2.10 -12.40 2.43
N LEU A 39 -1.88 -12.18 1.13
CA LEU A 39 -2.24 -10.94 0.48
C LEU A 39 -3.45 -11.01 -0.45
N GLY A 40 -3.49 -12.06 -1.25
CA GLY A 40 -4.58 -12.22 -2.18
C GLY A 40 -4.91 -13.65 -2.58
N ASN A 41 -6.06 -13.80 -3.23
CA ASN A 41 -6.54 -15.10 -3.70
C ASN A 41 -7.49 -14.95 -4.88
N LYS A 42 -7.03 -15.40 -6.05
CA LYS A 42 -7.79 -15.37 -7.30
C LYS A 42 -8.17 -13.95 -7.71
N GLY A 43 -7.23 -13.03 -7.58
CA GLY A 43 -7.52 -11.67 -7.93
C GLY A 43 -8.40 -10.99 -6.91
N THR A 44 -8.56 -11.58 -5.73
CA THR A 44 -9.36 -10.93 -4.71
C THR A 44 -8.72 -11.06 -3.33
N LEU A 45 -9.26 -10.36 -2.33
CA LEU A 45 -8.74 -10.47 -0.98
C LEU A 45 -9.12 -11.85 -0.48
N PRO A 46 -8.19 -12.54 0.18
CA PRO A 46 -8.43 -13.90 0.72
C PRO A 46 -9.71 -14.04 1.55
N TRP A 47 -10.06 -13.00 2.28
CA TRP A 47 -11.23 -12.99 3.15
C TRP A 47 -12.39 -12.20 2.51
N LYS A 48 -13.49 -12.09 3.23
CA LYS A 48 -14.64 -11.35 2.73
C LYS A 48 -14.59 -9.86 3.15
N CYS A 49 -15.46 -9.07 2.55
CA CYS A 49 -15.55 -7.64 2.85
C CYS A 49 -15.43 -7.35 4.34
N ASN A 50 -14.24 -6.92 4.77
CA ASN A 50 -13.99 -6.57 6.18
C ASN A 50 -14.20 -5.07 6.35
N SER A 51 -15.33 -4.71 6.97
CA SER A 51 -15.70 -3.30 7.15
C SER A 51 -14.81 -2.54 8.09
N VAL A 52 -14.32 -3.23 9.10
CA VAL A 52 -13.46 -2.57 10.08
C VAL A 52 -12.16 -2.13 9.41
N ASP A 53 -11.50 -3.04 8.69
CA ASP A 53 -10.28 -2.69 7.96
C ASP A 53 -10.55 -1.72 6.78
N MET A 54 -11.65 -1.92 6.05
CA MET A 54 -11.98 -1.03 4.92
C MET A 54 -12.15 0.42 5.42
N LYS A 55 -12.74 0.57 6.60
CA LYS A 55 -12.94 1.87 7.21
C LYS A 55 -11.56 2.46 7.54
N TYR A 56 -10.74 1.65 8.20
CA TYR A 56 -9.36 2.03 8.55
C TYR A 56 -8.61 2.48 7.29
N PHE A 57 -8.47 1.57 6.34
CA PHE A 57 -7.78 1.91 5.12
C PHE A 57 -8.27 3.24 4.56
N ARG A 58 -9.58 3.44 4.49
CA ARG A 58 -10.10 4.68 3.94
C ARG A 58 -9.77 5.88 4.82
N SER A 59 -9.83 5.73 6.13
CA SER A 59 -9.51 6.89 6.94
C SER A 59 -8.01 7.27 6.79
N VAL A 60 -7.11 6.29 6.94
CA VAL A 60 -5.67 6.50 6.78
C VAL A 60 -5.33 7.06 5.38
N THR A 61 -5.77 6.43 4.31
CA THR A 61 -5.39 6.94 2.99
C THR A 61 -6.06 8.20 2.56
N THR A 62 -7.12 8.58 3.26
CA THR A 62 -7.82 9.79 2.93
C THR A 62 -7.32 11.01 3.72
N TYR A 63 -7.06 10.84 5.01
CA TYR A 63 -6.63 11.96 5.89
C TYR A 63 -5.48 12.89 5.46
N VAL A 64 -5.76 14.20 5.48
CA VAL A 64 -4.76 15.23 5.15
C VAL A 64 -4.81 16.30 6.22
N ASP A 65 -3.65 16.88 6.52
CA ASP A 65 -3.55 17.92 7.53
C ASP A 65 -2.95 19.17 6.89
N GLU A 66 -3.83 20.08 6.44
CA GLU A 66 -3.44 21.33 5.77
C GLU A 66 -2.27 22.01 6.46
N SER A 67 -2.29 21.98 7.78
CA SER A 67 -1.26 22.62 8.59
C SER A 67 0.13 22.07 8.33
N LYS A 68 0.29 20.77 8.51
CA LYS A 68 1.56 20.11 8.32
C LYS A 68 2.04 20.06 6.90
N TYR A 69 1.22 20.55 5.96
CA TYR A 69 1.66 20.53 4.57
C TYR A 69 2.89 21.38 4.33
N GLU A 70 2.80 22.65 4.69
CA GLU A 70 3.92 23.58 4.49
C GLU A 70 5.28 23.00 4.77
N LYS A 71 5.42 22.42 5.97
CA LYS A 71 6.69 21.81 6.32
C LYS A 71 7.08 20.77 5.29
N LEU A 72 6.09 20.10 4.71
CA LEU A 72 6.38 19.10 3.69
C LEU A 72 6.77 19.83 2.42
N LYS A 73 6.01 20.88 2.13
CA LYS A 73 6.28 21.68 0.94
C LYS A 73 7.71 22.23 0.96
N TRP A 74 8.09 22.81 2.09
CA TRP A 74 9.44 23.35 2.19
C TRP A 74 10.50 22.27 2.00
N LYS A 75 10.24 21.09 2.56
CA LYS A 75 11.19 19.98 2.46
C LYS A 75 11.43 19.60 1.00
N ARG A 76 10.35 19.50 0.25
CA ARG A 76 10.45 19.15 -1.15
C ARG A 76 11.08 20.29 -1.95
N GLU A 77 10.54 21.51 -1.78
CA GLU A 77 11.12 22.65 -2.48
C GLU A 77 12.63 22.62 -2.26
N ARG A 78 13.02 22.41 -1.01
CA ARG A 78 14.44 22.34 -0.70
C ARG A 78 15.13 21.25 -1.53
N TYR A 79 14.74 19.99 -1.35
CA TYR A 79 15.32 18.89 -2.11
C TYR A 79 15.38 19.17 -3.62
N LEU A 80 14.30 19.73 -4.17
CA LEU A 80 14.27 20.02 -5.60
C LEU A 80 15.41 20.95 -6.09
N ARG A 81 15.73 22.00 -5.34
CA ARG A 81 16.81 22.92 -5.75
C ARG A 81 18.18 22.19 -5.82
N MET A 82 18.54 21.56 -4.71
CA MET A 82 19.79 20.82 -4.63
C MET A 82 20.06 19.99 -5.90
N GLU A 83 18.99 19.67 -6.64
CA GLU A 83 19.09 18.89 -7.89
C GLU A 83 19.31 19.76 -9.14
N LYS A 106 -6.63 21.58 -4.01
CA LYS A 106 -7.13 20.78 -2.90
C LYS A 106 -6.07 19.79 -2.39
N LEU A 107 -5.95 19.64 -1.08
CA LEU A 107 -4.94 18.72 -0.56
C LEU A 107 -5.46 17.28 -0.42
N GLN A 108 -4.78 16.35 -1.10
CA GLN A 108 -5.16 14.93 -1.08
C GLN A 108 -3.90 14.05 -1.07
N ASN A 109 -4.05 12.81 -0.64
CA ASN A 109 -2.91 11.93 -0.67
C ASN A 109 -2.92 11.29 -2.04
N VAL A 110 -1.86 10.58 -2.36
CA VAL A 110 -1.78 9.87 -3.62
C VAL A 110 -1.90 8.40 -3.21
N VAL A 111 -2.57 7.61 -4.05
CA VAL A 111 -2.66 6.16 -3.83
C VAL A 111 -2.12 5.54 -5.14
N VAL A 112 -1.22 4.57 -4.99
CA VAL A 112 -0.57 3.92 -6.10
C VAL A 112 -0.92 2.45 -6.04
N MET A 113 -1.35 1.92 -7.17
CA MET A 113 -1.69 0.52 -7.22
C MET A 113 -1.24 -0.13 -8.51
N GLY A 114 -0.96 -1.42 -8.44
CA GLY A 114 -0.52 -2.15 -9.61
C GLY A 114 -1.73 -2.40 -10.46
N ARG A 115 -1.50 -2.71 -11.74
CA ARG A 115 -2.57 -2.99 -12.68
C ARG A 115 -3.51 -4.09 -12.19
N SER A 116 -2.95 -5.15 -11.65
CA SER A 116 -3.78 -6.25 -11.21
C SER A 116 -4.71 -5.80 -10.12
N ASN A 117 -4.14 -5.11 -9.15
CA ASN A 117 -4.92 -4.61 -8.04
C ASN A 117 -5.98 -3.65 -8.54
N TRP A 118 -5.58 -2.79 -9.47
CA TRP A 118 -6.51 -1.82 -10.07
C TRP A 118 -7.67 -2.58 -10.72
N GLU A 119 -7.36 -3.60 -11.52
CA GLU A 119 -8.42 -4.34 -12.17
C GLU A 119 -9.27 -5.13 -11.18
N SER A 120 -8.70 -5.46 -10.03
CA SER A 120 -9.39 -6.25 -9.03
C SER A 120 -10.47 -5.45 -8.32
N ILE A 121 -10.35 -4.13 -8.36
CA ILE A 121 -11.30 -3.25 -7.70
C ILE A 121 -12.57 -3.03 -8.52
N PRO A 122 -13.74 -3.32 -7.92
CA PRO A 122 -15.04 -3.15 -8.59
C PRO A 122 -15.17 -1.72 -9.10
N LYS A 123 -15.86 -1.54 -10.23
CA LYS A 123 -16.04 -0.20 -10.81
C LYS A 123 -16.74 0.80 -9.87
N GLN A 124 -17.69 0.34 -9.07
CA GLN A 124 -18.35 1.24 -8.14
C GLN A 124 -17.39 1.69 -7.01
N TYR A 125 -16.11 1.84 -7.33
CA TYR A 125 -15.13 2.29 -6.34
C TYR A 125 -13.96 3.04 -6.99
N LYS A 126 -13.76 2.81 -8.27
CA LYS A 126 -12.68 3.43 -8.99
C LYS A 126 -13.25 4.62 -9.73
N PRO A 127 -12.56 5.77 -9.67
CA PRO A 127 -11.33 5.86 -8.88
C PRO A 127 -11.63 6.06 -7.40
N LEU A 128 -10.65 5.78 -6.55
CA LEU A 128 -10.86 5.95 -5.11
C LEU A 128 -11.05 7.44 -4.84
N PRO A 129 -12.21 7.78 -4.30
CA PRO A 129 -12.53 9.18 -4.01
C PRO A 129 -11.77 9.88 -2.89
N ASN A 130 -11.49 11.17 -3.09
CA ASN A 130 -10.82 12.00 -2.11
C ASN A 130 -9.35 11.70 -2.13
N ARG A 131 -8.93 11.05 -3.20
CA ARG A 131 -7.56 10.65 -3.38
C ARG A 131 -7.14 10.66 -4.84
N ILE A 132 -5.91 11.12 -5.09
CA ILE A 132 -5.33 11.14 -6.43
C ILE A 132 -4.87 9.69 -6.78
N ASN A 133 -5.55 9.09 -7.76
CA ASN A 133 -5.26 7.72 -8.21
C ASN A 133 -4.19 7.50 -9.23
N VAL A 134 -3.27 6.60 -8.91
CA VAL A 134 -2.19 6.31 -9.82
C VAL A 134 -2.09 4.83 -10.02
N VAL A 135 -1.99 4.44 -11.29
CA VAL A 135 -1.85 3.05 -11.64
C VAL A 135 -0.49 2.82 -12.31
N LEU A 136 0.17 1.76 -11.88
CA LEU A 136 1.43 1.35 -12.44
C LEU A 136 1.12 0.28 -13.44
N SER A 137 1.54 0.51 -14.69
CA SER A 137 1.32 -0.45 -15.78
C SER A 137 2.21 -0.15 -16.97
N LYS A 138 2.43 -1.17 -17.79
CA LYS A 138 3.24 -0.99 -18.99
C LYS A 138 2.37 -1.22 -20.21
N THR A 139 1.13 -1.68 -19.98
CA THR A 139 0.22 -1.99 -21.07
C THR A 139 -0.93 -1.00 -21.23
N LEU A 140 -1.56 -0.68 -20.11
CA LEU A 140 -2.65 0.28 -20.10
C LEU A 140 -2.32 1.57 -20.80
N THR A 141 -3.38 2.27 -21.21
CA THR A 141 -3.24 3.54 -21.89
C THR A 141 -4.45 4.40 -21.56
N LYS A 142 -4.35 5.70 -21.87
CA LYS A 142 -5.46 6.60 -21.56
C LYS A 142 -6.75 6.29 -22.33
N GLU A 143 -6.63 5.72 -23.53
CA GLU A 143 -7.84 5.43 -24.29
C GLU A 143 -8.60 4.32 -23.55
N ASP A 144 -7.84 3.33 -23.08
CA ASP A 144 -8.37 2.18 -22.36
C ASP A 144 -9.12 2.56 -21.07
N VAL A 145 -8.36 3.11 -20.12
CA VAL A 145 -8.86 3.54 -18.82
C VAL A 145 -9.65 4.84 -18.93
N LYS A 146 -10.92 4.81 -18.53
CA LYS A 146 -11.79 5.99 -18.61
C LYS A 146 -11.89 6.76 -17.31
N GLU A 147 -11.32 6.19 -16.25
CA GLU A 147 -11.36 6.83 -14.96
C GLU A 147 -10.28 7.86 -14.88
N LYS A 148 -10.45 8.78 -13.95
CA LYS A 148 -9.49 9.85 -13.71
C LYS A 148 -8.34 9.30 -12.85
N VAL A 149 -7.27 8.84 -13.51
CA VAL A 149 -6.11 8.31 -12.79
C VAL A 149 -4.83 8.49 -13.61
N PHE A 150 -3.72 8.73 -12.94
CA PHE A 150 -2.48 8.88 -13.64
C PHE A 150 -1.98 7.48 -13.95
N ILE A 151 -1.43 7.29 -15.14
CA ILE A 151 -0.91 5.99 -15.49
C ILE A 151 0.59 6.21 -15.59
N ILE A 152 1.36 5.32 -14.96
CA ILE A 152 2.81 5.43 -14.99
C ILE A 152 3.34 4.08 -15.31
N ASP A 153 4.49 4.09 -15.99
CA ASP A 153 5.12 2.88 -16.46
C ASP A 153 6.31 2.38 -15.66
N SER A 154 6.63 3.06 -14.56
CA SER A 154 7.75 2.65 -13.70
C SER A 154 7.80 3.51 -12.45
N ILE A 155 8.49 3.01 -11.44
CA ILE A 155 8.63 3.71 -10.16
C ILE A 155 9.37 5.01 -10.44
N ASP A 156 10.26 4.97 -11.44
CA ASP A 156 11.04 6.12 -11.90
C ASP A 156 10.06 7.19 -12.30
N ASP A 157 9.11 6.82 -13.14
CA ASP A 157 8.10 7.80 -13.56
C ASP A 157 7.21 8.22 -12.39
N LEU A 158 7.14 7.38 -11.37
CA LEU A 158 6.34 7.71 -10.19
C LEU A 158 7.06 8.84 -9.47
N LEU A 159 8.39 8.75 -9.38
CA LEU A 159 9.14 9.80 -8.73
C LEU A 159 9.01 11.10 -9.54
N LEU A 160 9.12 11.00 -10.86
CA LEU A 160 8.94 12.19 -11.69
C LEU A 160 7.61 12.86 -11.37
N LEU A 161 6.54 12.07 -11.34
CA LEU A 161 5.20 12.62 -11.07
C LEU A 161 5.14 13.29 -9.70
N LEU A 162 5.62 12.60 -8.67
CA LEU A 162 5.60 13.13 -7.30
C LEU A 162 6.39 14.44 -7.23
N LYS A 163 7.51 14.46 -7.95
CA LYS A 163 8.38 15.63 -8.02
C LYS A 163 7.62 16.88 -8.47
N LYS A 164 6.64 16.71 -9.36
CA LYS A 164 5.88 17.85 -9.89
C LYS A 164 4.38 17.72 -9.67
N LEU A 165 4.02 17.33 -8.46
CA LEU A 165 2.63 17.14 -8.11
C LEU A 165 2.46 17.62 -6.67
N LYS A 166 1.30 18.17 -6.34
CA LYS A 166 1.06 18.67 -4.99
C LYS A 166 0.20 17.69 -4.25
N TYR A 167 0.79 17.02 -3.26
CA TYR A 167 0.08 16.02 -2.49
C TYR A 167 0.58 15.99 -1.08
N TYR A 168 -0.18 15.35 -0.19
CA TYR A 168 0.19 15.25 1.21
C TYR A 168 1.09 14.05 1.44
N LYS A 169 0.48 12.86 1.52
CA LYS A 169 1.23 11.62 1.72
C LYS A 169 0.99 10.78 0.47
N CYS A 170 1.88 9.82 0.21
CA CYS A 170 1.78 8.95 -0.95
C CYS A 170 1.66 7.52 -0.43
N PHE A 171 0.52 6.89 -0.65
CA PHE A 171 0.32 5.54 -0.17
C PHE A 171 0.46 4.43 -1.24
N ILE A 172 1.24 3.40 -0.96
CA ILE A 172 1.38 2.30 -1.92
C ILE A 172 0.34 1.31 -1.40
N ILE A 173 -0.67 1.01 -2.19
CA ILE A 173 -1.71 0.13 -1.74
C ILE A 173 -1.81 -1.23 -2.42
N GLY A 174 -0.75 -1.67 -3.11
CA GLY A 174 -0.76 -2.97 -3.73
C GLY A 174 -0.92 -2.99 -5.24
N GLY A 175 -0.70 -4.16 -5.84
CA GLY A 175 -0.33 -5.36 -5.10
C GLY A 175 1.11 -5.76 -4.76
N ALA A 176 1.32 -7.08 -4.72
CA ALA A 176 2.60 -7.74 -4.38
C ALA A 176 3.83 -7.23 -5.12
N GLN A 177 3.75 -7.16 -6.44
CA GLN A 177 4.88 -6.69 -7.25
C GLN A 177 5.27 -5.25 -6.95
N VAL A 178 4.29 -4.40 -6.65
CA VAL A 178 4.52 -2.99 -6.36
C VAL A 178 5.16 -2.85 -4.99
N TYR A 179 4.75 -3.69 -4.04
CA TYR A 179 5.31 -3.69 -2.71
C TYR A 179 6.79 -4.08 -2.80
N ARG A 180 7.06 -5.17 -3.50
CA ARG A 180 8.41 -5.65 -3.67
C ARG A 180 9.36 -4.59 -4.20
N GLU A 181 9.07 -4.11 -5.39
CA GLU A 181 9.93 -3.11 -6.01
C GLU A 181 10.20 -1.96 -5.06
N CYS A 182 9.17 -1.44 -4.40
CA CYS A 182 9.33 -0.31 -3.50
C CYS A 182 10.16 -0.66 -2.28
N LEU A 183 9.92 -1.82 -1.70
CA LEU A 183 10.74 -2.18 -0.55
C LEU A 183 12.17 -2.50 -0.97
N SER A 184 12.36 -2.94 -2.21
CA SER A 184 13.70 -3.29 -2.70
C SER A 184 14.53 -2.05 -2.98
N ARG A 185 13.84 -0.96 -3.28
CA ARG A 185 14.53 0.27 -3.56
C ARG A 185 14.59 1.14 -2.33
N ASN A 186 14.14 0.61 -1.19
CA ASN A 186 14.13 1.38 0.06
C ASN A 186 13.36 2.69 -0.11
N LEU A 187 12.22 2.60 -0.77
CA LEU A 187 11.35 3.74 -1.04
C LEU A 187 10.15 3.79 -0.10
N ILE A 188 10.17 2.94 0.93
CA ILE A 188 9.12 2.87 1.92
C ILE A 188 9.59 3.47 3.26
N LYS A 189 8.92 4.54 3.66
CA LYS A 189 9.22 5.23 4.90
C LYS A 189 8.42 4.59 6.05
N GLN A 190 7.15 4.25 5.79
CA GLN A 190 6.34 3.56 6.78
C GLN A 190 5.47 2.50 6.19
N ILE A 191 5.14 1.49 6.99
CA ILE A 191 4.25 0.44 6.56
C ILE A 191 3.09 0.25 7.54
N TYR A 192 1.86 0.51 7.06
CA TYR A 192 0.62 0.31 7.84
C TYR A 192 0.22 -1.11 7.48
N PHE A 193 0.39 -1.99 8.45
CA PHE A 193 0.13 -3.40 8.29
C PHE A 193 -1.05 -3.86 9.16
N THR A 194 -2.13 -4.33 8.52
CA THR A 194 -3.31 -4.82 9.23
C THR A 194 -3.09 -6.30 9.34
N ARG A 195 -3.39 -6.89 10.50
CA ARG A 195 -3.19 -8.32 10.65
C ARG A 195 -4.54 -9.00 10.72
N ILE A 196 -4.89 -9.74 9.67
CA ILE A 196 -6.18 -10.40 9.68
C ILE A 196 -6.04 -11.73 10.38
N ASN A 197 -6.56 -11.80 11.60
CA ASN A 197 -6.48 -13.02 12.40
C ASN A 197 -7.41 -14.10 11.88
N GLY A 198 -7.02 -14.70 10.77
CA GLY A 198 -7.82 -15.76 10.18
C GLY A 198 -7.01 -16.41 9.08
N ALA A 199 -7.21 -17.70 8.83
CA ALA A 199 -6.45 -18.35 7.76
C ALA A 199 -7.35 -18.44 6.54
N TYR A 200 -6.76 -18.37 5.35
CA TYR A 200 -7.56 -18.42 4.13
C TYR A 200 -6.65 -18.87 3.02
N PRO A 201 -7.22 -19.36 1.91
CA PRO A 201 -6.40 -19.78 0.78
C PRO A 201 -5.78 -18.51 0.21
N CYS A 202 -4.55 -18.59 -0.30
CA CYS A 202 -3.87 -17.42 -0.88
C CYS A 202 -2.91 -17.81 -1.98
N ASP A 203 -2.88 -17.04 -3.09
CA ASP A 203 -1.95 -17.31 -4.18
C ASP A 203 -1.04 -16.12 -4.35
N VAL A 204 -1.14 -15.15 -3.45
CA VAL A 204 -0.32 -13.96 -3.46
C VAL A 204 0.07 -13.64 -2.02
N PHE A 205 1.35 -13.36 -1.80
CA PHE A 205 1.88 -13.10 -0.46
C PHE A 205 2.70 -11.84 -0.37
N PHE A 206 2.77 -11.26 0.81
CA PHE A 206 3.53 -10.05 1.00
C PHE A 206 5.02 -10.33 0.80
N PRO A 207 5.68 -9.54 -0.03
CA PRO A 207 7.11 -9.76 -0.26
C PRO A 207 7.97 -9.60 0.99
N GLU A 208 9.01 -10.41 1.08
CA GLU A 208 9.89 -10.35 2.21
C GLU A 208 10.83 -9.16 2.14
N PHE A 209 11.21 -8.63 3.29
CA PHE A 209 12.09 -7.50 3.30
C PHE A 209 12.94 -7.53 4.57
N ASP A 210 14.03 -6.80 4.53
CA ASP A 210 14.90 -6.77 5.69
C ASP A 210 14.17 -6.02 6.81
N GLU A 211 13.73 -6.79 7.81
CA GLU A 211 12.98 -6.25 8.93
C GLU A 211 13.82 -5.49 9.98
N SER A 212 15.13 -5.46 9.77
CA SER A 212 16.02 -4.77 10.69
C SER A 212 15.99 -3.28 10.41
N GLU A 213 15.61 -2.91 9.19
CA GLU A 213 15.56 -1.48 8.88
C GLU A 213 14.28 -0.82 9.36
N PHE A 214 13.40 -1.59 9.98
CA PHE A 214 12.15 -1.03 10.47
C PHE A 214 11.92 -1.35 11.94
N ARG A 215 11.03 -0.59 12.57
CA ARG A 215 10.66 -0.91 13.93
C ARG A 215 9.19 -0.56 14.16
N VAL A 216 8.51 -1.38 14.95
CA VAL A 216 7.08 -1.13 15.21
C VAL A 216 6.89 0.12 16.06
N THR A 217 6.15 1.06 15.53
CA THR A 217 5.91 2.29 16.26
C THR A 217 4.46 2.42 16.77
N SER A 218 3.53 1.61 16.23
CA SER A 218 2.13 1.64 16.66
C SER A 218 1.55 0.24 16.64
N VAL A 219 0.94 -0.17 17.74
CA VAL A 219 0.32 -1.49 17.84
C VAL A 219 -1.01 -1.18 18.45
N SER A 220 -2.07 -1.22 17.63
CA SER A 220 -3.42 -0.92 18.11
C SER A 220 -4.00 -2.04 18.97
N GLU A 221 -5.13 -1.75 19.60
CA GLU A 221 -5.87 -2.73 20.41
C GLU A 221 -6.51 -3.68 19.41
N VAL A 222 -7.06 -4.79 19.90
CA VAL A 222 -7.70 -5.77 18.99
C VAL A 222 -9.15 -5.44 18.60
N TYR A 223 -9.52 -5.78 17.36
CA TYR A 223 -10.87 -5.53 16.86
C TYR A 223 -11.55 -6.83 16.39
N ASN A 224 -12.88 -6.81 16.47
CA ASN A 224 -13.69 -7.96 16.09
C ASN A 224 -14.65 -7.59 14.96
N SER A 225 -14.37 -8.10 13.76
CA SER A 225 -15.25 -7.87 12.60
C SER A 225 -16.03 -9.16 12.33
N LYS A 226 -17.29 -9.22 12.77
CA LYS A 226 -18.08 -10.43 12.53
C LYS A 226 -17.42 -11.70 13.05
N GLY A 227 -16.68 -11.60 14.15
CA GLY A 227 -16.05 -12.80 14.68
C GLY A 227 -14.55 -12.93 14.42
N THR A 228 -14.06 -12.46 13.29
CA THR A 228 -12.63 -12.53 12.97
C THR A 228 -11.95 -11.33 13.65
N THR A 229 -10.80 -11.55 14.27
CA THR A 229 -10.13 -10.44 14.92
C THR A 229 -9.08 -9.86 14.00
N LEU A 230 -8.65 -8.64 14.29
CA LEU A 230 -7.63 -8.01 13.47
C LEU A 230 -7.01 -6.86 14.26
N ASP A 231 -5.77 -6.50 13.94
CA ASP A 231 -5.14 -5.36 14.60
C ASP A 231 -4.37 -4.51 13.58
N PHE A 232 -3.98 -3.33 14.01
CA PHE A 232 -3.28 -2.40 13.13
C PHE A 232 -1.91 -2.02 13.69
N LEU A 233 -0.88 -2.48 12.97
CA LEU A 233 0.52 -2.23 13.31
C LEU A 233 1.11 -1.21 12.37
N VAL A 234 2.01 -0.39 12.88
CA VAL A 234 2.68 0.59 12.04
C VAL A 234 4.20 0.50 12.23
N TYR A 235 4.92 0.30 11.13
CA TYR A 235 6.39 0.23 11.15
C TYR A 235 6.94 1.51 10.55
N SER A 236 8.06 1.96 11.09
CA SER A 236 8.72 3.16 10.57
C SER A 236 10.17 2.82 10.28
N LYS A 237 10.71 3.47 9.26
CA LYS A 237 12.08 3.27 8.85
C LYS A 237 13.06 3.68 9.96
N VAL A 238 14.14 2.93 10.11
CA VAL A 238 15.13 3.26 11.12
C VAL A 238 16.14 4.16 10.43
PA NDP B . -0.05 -5.93 -8.69
O1A NDP B . 1.24 -5.56 -8.23
O2A NDP B . -1.28 -5.31 -8.20
O5B NDP B . -0.04 -5.66 -10.29
C5B NDP B . 0.90 -6.35 -11.09
C4B NDP B . 0.92 -5.51 -12.31
O4B NDP B . 1.20 -4.14 -11.87
C3B NDP B . 1.92 -5.80 -13.38
O3B NDP B . 1.78 -7.03 -14.16
C2B NDP B . 2.14 -4.55 -14.08
O2B NDP B . 1.21 -4.20 -15.06
C1B NDP B . 2.12 -3.63 -12.88
N9A NDP B . 3.42 -3.28 -12.38
C8A NDP B . 4.09 -3.81 -11.26
N7A NDP B . 5.25 -3.24 -11.12
C5A NDP B . 5.36 -2.33 -12.13
C6A NDP B . 6.38 -1.43 -12.51
N6A NDP B . 7.52 -1.34 -11.82
N1A NDP B . 6.17 -0.62 -13.59
C2A NDP B . 5.01 -0.71 -14.28
N3A NDP B . 4.00 -1.55 -14.01
C4A NDP B . 4.26 -2.34 -12.90
O3 NDP B . -0.31 -7.47 -8.69
PN NDP B . -0.06 -8.81 -7.85
O1N NDP B . -0.57 -9.91 -8.69
O2N NDP B . 1.34 -8.79 -7.34
O5D NDP B . -1.01 -8.52 -6.60
C5D NDP B . -2.49 -8.62 -6.80
C4D NDP B . -3.14 -9.50 -5.67
O4D NDP B . -2.92 -8.78 -4.44
C3D NDP B . -4.71 -9.49 -5.83
O3D NDP B . -5.27 -10.76 -5.47
C2D NDP B . -5.23 -8.30 -4.99
O2D NDP B . -6.52 -8.55 -4.53
C1D NDP B . -4.19 -8.46 -3.78
N1N NDP B . -3.95 -7.23 -2.99
C2N NDP B . -4.05 -7.40 -1.59
C3N NDP B . -3.77 -6.23 -0.76
C7N NDP B . -3.87 -6.32 0.71
O7N NDP B . -3.62 -5.35 1.49
N7N NDP B . -4.23 -7.51 1.30
C4N NDP B . -3.40 -5.03 -1.40
C5N NDP B . -3.33 -4.89 -2.77
C6N NDP B . -3.59 -5.99 -3.59
P2B NDP B . 1.31 -4.52 -16.55
O1X NDP B . 2.56 -3.89 -16.96
O2X NDP B . 1.29 -5.97 -16.74
O3X NDP B . 0.11 -3.87 -17.23
N1 CP7 C . -4.63 -2.21 3.08
C2 CP7 C . -5.62 -2.57 3.95
C3 CP7 C . -4.99 -2.25 1.72
C4 CP7 C . -6.32 -2.66 1.23
C5 CP7 C . -7.24 -3.02 2.29
N6 CP7 C . -6.88 -2.96 3.65
C7 CP7 C . -6.58 -2.65 -0.27
C8 CP7 C . -7.02 -1.46 -0.93
C9 CP7 C . -7.25 -1.46 -2.34
C10 CP7 C . -7.04 -2.63 -3.08
C11 CP7 C . -6.61 -3.83 -2.45
C12 CP7 C . -6.40 -3.80 -1.05
N13 CP7 C . -4.05 -1.89 0.86
N14 CP7 C . -5.26 -2.51 5.30
C15 CP7 C . -8.70 -3.49 2.07
C16 CP7 C . -9.75 -2.44 2.36
O1 MES D . -11.73 -3.54 -2.40
C2 MES D . -12.11 -3.40 -1.02
C3 MES D . -12.76 -2.00 -0.77
N4 MES D . -11.79 -0.86 -1.20
C5 MES D . -11.50 -1.05 -2.68
C6 MES D . -10.85 -2.45 -2.86
C7 MES D . -12.41 0.50 -0.93
C8 MES D . -11.38 1.52 -0.43
S MES D . -12.16 3.09 -0.04
O1S MES D . -12.84 3.64 -1.21
O2S MES D . -11.12 4.01 0.43
O3S MES D . -13.10 2.73 1.00
#